data_4I2U
#
_entry.id   4I2U
#
_cell.length_a   33.676
_cell.length_b   51.310
_cell.length_c   55.658
_cell.angle_alpha   90.00
_cell.angle_beta   90.00
_cell.angle_gamma   90.00
#
_symmetry.space_group_name_H-M   'P 21 21 21'
#
loop_
_entity.id
_entity.type
_entity.pdbx_description
1 polymer glutaredoxin
2 non-polymer GLUTATHIONE
3 water water
#
_entity_poly.entity_id   1
_entity_poly.type   'polypeptide(L)'
_entity_poly.pdbx_seq_one_letter_code
;MSAAKQLVDSTISGNKVVIFSKTYCPYCVKGKRALEKFLPKSKITAIELDGRNDGAAIQDYLLELTGGRSVPRVFIDGQF
IGGGDDTDALARNGKLEVMLRNAGVLLEHHHHHH
;
_entity_poly.pdbx_strand_id   A
#
loop_
_chem_comp.id
_chem_comp.type
_chem_comp.name
_chem_comp.formula
GSH non-polymer GLUTATHIONE 'C10 H17 N3 O6 S'
#
# COMPACT_ATOMS: atom_id res chain seq x y z
N SER A 2 -15.61 9.89 9.32
CA SER A 2 -14.51 10.48 10.08
C SER A 2 -13.42 10.95 9.12
N ALA A 3 -12.55 11.81 9.63
CA ALA A 3 -11.40 12.28 8.88
C ALA A 3 -10.53 11.10 8.45
N ALA A 4 -10.28 10.17 9.36
CA ALA A 4 -9.41 9.03 9.06
C ALA A 4 -10.00 8.17 7.95
N LYS A 5 -11.29 7.87 8.05
CA LYS A 5 -11.95 7.06 7.04
C LYS A 5 -11.90 7.77 5.69
N GLN A 6 -12.21 9.07 5.68
CA GLN A 6 -12.21 9.80 4.42
C GLN A 6 -10.81 9.81 3.82
N LEU A 7 -9.80 10.00 4.65
CA LEU A 7 -8.42 9.97 4.19
C LEU A 7 -8.08 8.64 3.52
N VAL A 8 -8.36 7.54 4.19
CA VAL A 8 -8.00 6.24 3.64
C VAL A 8 -8.79 5.97 2.35
N ASP A 9 -10.11 6.15 2.40
CA ASP A 9 -10.94 5.84 1.24
C ASP A 9 -10.51 6.67 0.03
N SER A 10 -10.34 7.96 0.23
CA SER A 10 -9.98 8.86 -0.86
CA SER A 10 -9.98 8.86 -0.88
C SER A 10 -8.59 8.54 -1.39
N THR A 11 -7.68 8.16 -0.50
CA THR A 11 -6.33 7.88 -0.93
C THR A 11 -6.28 6.63 -1.79
N ILE A 12 -6.95 5.56 -1.38
CA ILE A 12 -6.86 4.31 -2.13
C ILE A 12 -7.67 4.37 -3.42
N SER A 13 -8.69 5.22 -3.50
CA SER A 13 -9.46 5.36 -4.74
C SER A 13 -8.86 6.39 -5.69
N GLY A 14 -7.99 7.27 -5.18
CA GLY A 14 -7.41 8.32 -5.98
C GLY A 14 -5.97 8.07 -6.41
N ASN A 15 -5.36 7.01 -5.89
CA ASN A 15 -3.97 6.67 -6.20
C ASN A 15 -3.87 5.19 -6.42
N LYS A 16 -3.22 4.76 -7.49
CA LYS A 16 -3.21 3.36 -7.86
C LYS A 16 -2.41 2.46 -6.94
N VAL A 17 -1.33 2.96 -6.35
CA VAL A 17 -0.47 2.14 -5.52
C VAL A 17 -0.26 2.87 -4.22
N VAL A 18 -0.82 2.33 -3.14
CA VAL A 18 -0.78 2.96 -1.83
C VAL A 18 -0.21 2.02 -0.80
N ILE A 19 0.69 2.52 0.03
CA ILE A 19 1.19 1.74 1.15
C ILE A 19 1.07 2.58 2.41
N PHE A 20 0.24 2.14 3.35
CA PHE A 20 0.20 2.76 4.66
C PHE A 20 1.33 2.14 5.44
N SER A 21 2.18 2.99 6.00
CA SER A 21 3.52 2.63 6.42
C SER A 21 3.88 3.30 7.73
N LYS A 22 4.97 2.83 8.33
CA LYS A 22 5.72 3.62 9.32
C LYS A 22 7.16 3.60 8.91
N THR A 23 7.84 4.71 9.10
CA THR A 23 9.19 4.89 8.52
C THR A 23 10.20 3.88 9.03
N TYR A 24 10.03 3.41 10.25
CA TYR A 24 11.00 2.58 10.95
C TYR A 24 10.76 1.08 10.81
N CYS A 25 9.67 0.70 10.15
CA CYS A 25 9.26 -0.70 10.11
C CYS A 25 9.89 -1.46 8.94
N PRO A 26 10.55 -2.60 9.23
CA PRO A 26 11.19 -3.35 8.15
C PRO A 26 10.22 -4.02 7.19
N TYR A 27 8.99 -4.27 7.64
CA TYR A 27 7.97 -4.83 6.75
C TYR A 27 7.52 -3.77 5.76
N CYS A 28 7.43 -2.53 6.21
CA CYS A 28 7.13 -1.41 5.33
C CYS A 28 8.25 -1.21 4.32
N VAL A 29 9.49 -1.27 4.78
CA VAL A 29 10.64 -1.18 3.87
C VAL A 29 10.57 -2.30 2.83
N LYS A 30 10.28 -3.52 3.29
CA LYS A 30 10.20 -4.67 2.39
C LYS A 30 9.10 -4.47 1.33
N GLY A 31 7.93 -3.97 1.74
CA GLY A 31 6.84 -3.71 0.82
C GLY A 31 7.21 -2.64 -0.20
N LYS A 32 7.83 -1.56 0.27
CA LYS A 32 8.30 -0.52 -0.62
C LYS A 32 9.29 -1.04 -1.64
N ARG A 33 10.29 -1.80 -1.19
CA ARG A 33 11.29 -2.31 -2.11
C ARG A 33 10.70 -3.25 -3.14
N ALA A 34 9.70 -4.04 -2.73
CA ALA A 34 9.02 -4.91 -3.67
C ALA A 34 8.31 -4.12 -4.77
N LEU A 35 7.57 -3.09 -4.38
CA LEU A 35 6.88 -2.25 -5.34
C LEU A 35 7.86 -1.49 -6.25
N GLU A 36 9.01 -1.10 -5.71
CA GLU A 36 9.98 -0.31 -6.45
C GLU A 36 10.69 -1.10 -7.51
N LYS A 37 10.54 -2.42 -7.53
CA LYS A 37 11.05 -3.22 -8.64
C LYS A 37 10.31 -2.86 -9.93
N PHE A 38 9.09 -2.38 -9.80
CA PHE A 38 8.21 -2.19 -10.96
C PHE A 38 7.83 -0.76 -11.22
N LEU A 39 7.87 0.08 -10.19
CA LEU A 39 7.39 1.45 -10.21
C LEU A 39 8.37 2.35 -9.53
N PRO A 40 8.46 3.61 -9.97
CA PRO A 40 9.30 4.52 -9.20
C PRO A 40 8.61 4.98 -7.93
N LYS A 41 9.41 5.47 -7.01
CA LYS A 41 8.89 5.96 -5.73
C LYS A 41 7.84 7.04 -5.91
N SER A 42 7.95 7.84 -6.96
CA SER A 42 7.02 8.95 -7.14
C SER A 42 5.65 8.46 -7.62
N LYS A 43 5.55 7.17 -7.95
CA LYS A 43 4.26 6.56 -8.30
C LYS A 43 3.70 5.67 -7.19
N ILE A 44 4.39 5.61 -6.08
CA ILE A 44 3.97 4.85 -4.91
C ILE A 44 3.56 5.88 -3.86
N THR A 45 2.32 5.81 -3.39
CA THR A 45 1.84 6.77 -2.40
C THR A 45 2.02 6.14 -1.02
N ALA A 46 3.07 6.54 -0.33
CA ALA A 46 3.40 5.99 0.98
C ALA A 46 2.97 6.97 2.06
N ILE A 47 2.02 6.54 2.87
CA ILE A 47 1.43 7.37 3.92
C ILE A 47 2.07 6.91 5.23
N GLU A 48 2.91 7.76 5.83
CA GLU A 48 3.65 7.40 7.03
C GLU A 48 2.85 7.72 8.27
N LEU A 49 2.38 6.69 8.95
CA LEU A 49 1.48 6.82 10.08
C LEU A 49 2.20 7.14 11.38
N ASP A 50 3.53 7.06 11.41
CA ASP A 50 4.30 7.60 12.52
C ASP A 50 4.56 9.11 12.34
N GLY A 51 4.36 9.63 11.13
CA GLY A 51 4.48 11.07 10.88
C GLY A 51 3.14 11.78 11.07
N ARG A 52 2.08 11.22 10.53
CA ARG A 52 0.74 11.76 10.72
C ARG A 52 0.36 11.74 12.19
N ASN A 53 -0.13 12.87 12.68
CA ASN A 53 -0.60 12.93 14.05
C ASN A 53 -1.76 11.96 14.32
N ASP A 54 -2.59 11.74 13.29
CA ASP A 54 -3.77 10.90 13.41
C ASP A 54 -3.48 9.48 12.94
N GLY A 55 -2.22 9.08 12.99
CA GLY A 55 -1.86 7.76 12.52
C GLY A 55 -2.61 6.63 13.20
N ALA A 56 -2.84 6.73 14.51
CA ALA A 56 -3.53 5.66 15.23
C ALA A 56 -4.98 5.54 14.76
N ALA A 57 -5.62 6.67 14.49
CA ALA A 57 -6.99 6.66 13.98
C ALA A 57 -7.04 6.03 12.60
N ILE A 58 -6.03 6.30 11.78
CA ILE A 58 -5.96 5.68 10.47
C ILE A 58 -5.76 4.18 10.59
N GLN A 59 -4.90 3.75 11.50
CA GLN A 59 -4.74 2.32 11.73
C GLN A 59 -6.04 1.69 12.20
N ASP A 60 -6.78 2.38 13.05
CA ASP A 60 -8.09 1.89 13.50
C ASP A 60 -9.02 1.66 12.32
N TYR A 61 -9.08 2.60 11.39
CA TYR A 61 -9.93 2.39 10.23
C TYR A 61 -9.38 1.27 9.38
N LEU A 62 -8.06 1.17 9.22
CA LEU A 62 -7.50 0.06 8.48
C LEU A 62 -7.87 -1.30 9.07
N LEU A 63 -8.03 -1.38 10.39
CA LEU A 63 -8.52 -2.59 11.02
C LEU A 63 -9.93 -2.88 10.51
N GLU A 64 -10.78 -1.85 10.48
CA GLU A 64 -12.14 -2.03 9.97
C GLU A 64 -12.16 -2.46 8.51
N LEU A 65 -11.35 -1.83 7.68
CA LEU A 65 -11.41 -2.09 6.25
C LEU A 65 -10.74 -3.39 5.86
N THR A 66 -9.64 -3.73 6.53
CA THR A 66 -8.78 -4.82 6.07
C THR A 66 -8.68 -6.02 7.00
N GLY A 67 -9.07 -5.86 8.27
CA GLY A 67 -8.95 -6.97 9.21
C GLY A 67 -7.77 -6.93 10.13
N GLY A 68 -6.89 -5.95 9.97
CA GLY A 68 -5.73 -5.82 10.82
C GLY A 68 -5.24 -4.39 10.89
N ARG A 69 -4.54 -4.06 11.97
CA ARG A 69 -4.01 -2.72 12.22
C ARG A 69 -2.55 -2.58 11.84
N SER A 70 -1.83 -3.68 11.68
CA SER A 70 -0.39 -3.61 11.53
C SER A 70 -0.01 -2.91 10.23
N VAL A 71 1.19 -2.35 10.22
CA VAL A 71 1.78 -1.78 9.00
C VAL A 71 2.80 -2.73 8.43
N PRO A 72 2.92 -2.78 7.10
CA PRO A 72 2.16 -1.95 6.16
C PRO A 72 0.80 -2.54 5.79
N ARG A 73 -0.03 -1.70 5.17
CA ARG A 73 -1.25 -2.15 4.50
CA ARG A 73 -1.27 -2.12 4.52
C ARG A 73 -1.18 -1.60 3.10
N VAL A 74 -1.13 -2.51 2.12
CA VAL A 74 -0.86 -2.16 0.73
C VAL A 74 -2.13 -2.35 -0.11
N PHE A 75 -2.39 -1.36 -0.96
CA PHE A 75 -3.57 -1.34 -1.82
C PHE A 75 -3.17 -1.07 -3.26
N ILE A 76 -3.68 -1.89 -4.19
CA ILE A 76 -3.45 -1.70 -5.61
C ILE A 76 -4.81 -1.42 -6.24
N ASP A 77 -4.97 -0.23 -6.79
CA ASP A 77 -6.23 0.20 -7.39
C ASP A 77 -7.40 0.01 -6.44
N GLY A 78 -7.18 0.28 -5.16
CA GLY A 78 -8.21 0.18 -4.14
C GLY A 78 -8.32 -1.18 -3.47
N GLN A 79 -7.64 -2.20 -4.01
CA GLN A 79 -7.73 -3.55 -3.48
C GLN A 79 -6.63 -3.80 -2.44
N PHE A 80 -7.01 -4.12 -1.21
CA PHE A 80 -6.06 -4.52 -0.20
C PHE A 80 -5.39 -5.83 -0.56
N ILE A 81 -4.06 -5.85 -0.61
CA ILE A 81 -3.34 -7.06 -0.99
C ILE A 81 -2.53 -7.67 0.16
N GLY A 82 -2.51 -7.01 1.31
CA GLY A 82 -1.81 -7.57 2.47
C GLY A 82 -0.74 -6.65 3.02
N GLY A 83 0.12 -7.26 3.82
CA GLY A 83 1.23 -6.55 4.45
C GLY A 83 2.54 -6.69 3.70
N GLY A 84 3.64 -6.58 4.42
CA GLY A 84 4.95 -6.56 3.77
C GLY A 84 5.37 -7.90 3.22
N ASP A 85 5.22 -8.96 4.03
CA ASP A 85 5.52 -10.29 3.55
C ASP A 85 4.63 -10.63 2.36
N ASP A 86 3.34 -10.30 2.42
CA ASP A 86 2.44 -10.60 1.31
C ASP A 86 2.87 -9.88 0.04
N THR A 87 3.21 -8.61 0.17
CA THR A 87 3.55 -7.82 -1.00
C THR A 87 4.84 -8.33 -1.63
N ASP A 88 5.81 -8.66 -0.81
CA ASP A 88 7.05 -9.24 -1.29
C ASP A 88 6.79 -10.57 -2.01
N ALA A 89 5.95 -11.42 -1.43
CA ALA A 89 5.62 -12.70 -2.06
C ALA A 89 4.92 -12.50 -3.40
N LEU A 90 4.01 -11.54 -3.46
CA LEU A 90 3.30 -11.26 -4.72
C LEU A 90 4.21 -10.67 -5.78
N ALA A 91 5.20 -9.90 -5.36
CA ALA A 91 6.19 -9.40 -6.29
C ALA A 91 6.95 -10.55 -6.91
N ARG A 92 7.35 -11.50 -6.08
CA ARG A 92 8.15 -12.61 -6.55
C ARG A 92 7.34 -13.60 -7.41
N ASN A 93 6.05 -13.76 -7.12
CA ASN A 93 5.32 -14.84 -7.76
C ASN A 93 4.55 -14.43 -9.01
N GLY A 94 4.65 -13.17 -9.43
CA GLY A 94 4.06 -12.73 -10.67
C GLY A 94 2.72 -12.05 -10.52
N LYS A 95 2.05 -12.26 -9.39
CA LYS A 95 0.70 -11.74 -9.22
C LYS A 95 0.67 -10.24 -9.02
N LEU A 96 1.68 -9.67 -8.38
CA LEU A 96 1.71 -8.23 -8.22
C LEU A 96 1.80 -7.55 -9.58
N GLU A 97 2.66 -8.06 -10.43
CA GLU A 97 2.79 -7.49 -11.78
C GLU A 97 1.46 -7.56 -12.53
N VAL A 98 0.75 -8.68 -12.42
CA VAL A 98 -0.55 -8.77 -13.06
C VAL A 98 -1.47 -7.67 -12.56
N MET A 99 -1.52 -7.48 -11.24
CA MET A 99 -2.36 -6.43 -10.68
C MET A 99 -1.97 -5.05 -11.13
N LEU A 100 -0.66 -4.79 -11.18
CA LEU A 100 -0.18 -3.48 -11.61
C LEU A 100 -0.48 -3.22 -13.08
N ARG A 101 -0.33 -4.23 -13.92
CA ARG A 101 -0.69 -4.07 -15.32
C ARG A 101 -2.19 -3.83 -15.45
N ASN A 102 -3.00 -4.57 -14.70
CA ASN A 102 -4.45 -4.38 -14.79
C ASN A 102 -4.85 -2.97 -14.33
N ALA A 103 -4.09 -2.42 -13.39
CA ALA A 103 -4.36 -1.09 -12.86
C ALA A 103 -3.86 0.01 -13.78
N GLY A 104 -3.13 -0.36 -14.83
CA GLY A 104 -2.68 0.60 -15.82
C GLY A 104 -1.40 1.34 -15.47
N VAL A 105 -0.65 0.84 -14.49
CA VAL A 105 0.56 1.53 -14.05
C VAL A 105 1.83 0.76 -14.34
N LEU A 106 1.70 -0.35 -15.06
CA LEU A 106 2.84 -1.15 -15.47
C LEU A 106 2.60 -1.63 -16.88
N LEU A 107 3.58 -1.42 -17.74
CA LEU A 107 3.57 -1.98 -19.09
C LEU A 107 4.22 -3.35 -19.14
N GLU A 108 3.84 -4.15 -20.13
CA GLU A 108 4.60 -5.33 -20.49
C GLU A 108 5.93 -4.85 -21.07
N HIS A 109 7.01 -5.55 -20.77
CA HIS A 109 8.35 -5.20 -21.23
C HIS A 109 9.08 -6.36 -21.88
N HIS A 110 9.19 -6.33 -23.19
CA HIS A 110 9.85 -7.42 -23.92
C HIS A 110 10.77 -6.86 -25.00
N1 GSH B . 3.97 -9.97 8.96
CA1 GSH B . 3.50 -8.58 8.96
C1 GSH B . 3.71 -8.05 7.56
O11 GSH B . 4.22 -8.82 6.71
O12 GSH B . 3.37 -6.87 7.26
CB1 GSH B . 4.25 -7.82 10.04
CG1 GSH B . 3.77 -6.37 10.22
CD1 GSH B . 4.04 -5.86 11.61
OE1 GSH B . 3.83 -6.55 12.61
N2 GSH B . 4.47 -4.62 11.72
CA2 GSH B . 4.66 -3.96 13.02
C2 GSH B . 3.41 -3.25 13.48
O2 GSH B . 2.50 -2.98 12.70
CB2 GSH B . 5.83 -3.00 12.97
SG2 GSH B . 7.42 -3.86 12.79
N3 GSH B . 3.32 -2.95 14.77
CA3 GSH B . 2.11 -2.40 15.33
C3 GSH B . 1.86 -0.96 14.98
O31 GSH B . 2.75 -0.25 14.47
O32 GSH B . 0.71 -0.54 15.25
HA1 GSH B . 2.43 -8.56 9.18
HB12 GSH B . 4.12 -8.35 10.99
HB13 GSH B . 5.31 -7.81 9.81
HG12 GSH B . 2.70 -6.33 10.01
HG13 GSH B . 4.29 -5.74 9.49
HN2 GSH B . 4.65 -4.08 10.88
HA2 GSH B . 4.90 -4.74 13.76
HB22 GSH B . 5.70 -2.31 12.12
HB23 GSH B . 5.85 -2.39 13.87
HSG GSH B . 8.17 -2.76 12.78
HN3 GSH B . 4.09 -3.18 15.39
HA31 GSH B . 2.16 -2.50 16.42
HA32 GSH B . 1.27 -3.00 15.00
#